data_1Y55
#
_entry.id   1Y55
#
_cell.length_a   78.173
_cell.length_b   78.173
_cell.length_c   110.260
_cell.angle_alpha   90.00
_cell.angle_beta   90.00
_cell.angle_gamma   90.00
#
_symmetry.space_group_name_H-M   'P 41 21 2'
#
loop_
_entity.id
_entity.type
_entity.pdbx_description
1 polymer 'Avidin-related protein 4/5'
2 non-polymer BIOTIN
3 non-polymer 'FORMIC ACID'
4 water water
#
_entity_poly.entity_id   1
_entity_poly.type   'polypeptide(L)'
_entity_poly.pdbx_seq_one_letter_code
;ARKCSLTGKWTNNLGSIMTIRAVNSRGEFTGTYLTAVADNPGNITLSPLLGIQHKRASQPTFGFTVHWNFSESTTVFTGQ
CFIDRNGKEVLKTMWLLRSSVNDISYDWKATRVGYNNFTRLSTVEE
;
_entity_poly.pdbx_strand_id   X,Y
#
# COMPACT_ATOMS: atom_id res chain seq x y z
N LYS A 3 -4.86 9.17 -20.74
CA LYS A 3 -4.94 8.39 -19.46
C LYS A 3 -3.56 7.99 -18.94
N CYS A 4 -3.24 8.39 -17.70
CA CYS A 4 -2.00 8.02 -16.97
C CYS A 4 -2.16 6.52 -16.56
N SER A 5 -1.29 5.64 -17.08
CA SER A 5 -1.15 4.26 -16.62
C SER A 5 0.21 4.17 -15.94
N LEU A 6 0.31 3.38 -14.88
N LEU A 6 0.31 3.41 -14.86
CA LEU A 6 1.57 3.25 -14.14
CA LEU A 6 1.59 3.32 -14.18
C LEU A 6 2.58 2.35 -14.86
C LEU A 6 2.61 2.52 -15.00
N THR A 7 2.14 1.63 -15.89
CA THR A 7 3.07 0.84 -16.72
C THR A 7 4.26 1.64 -17.25
N GLY A 8 5.45 1.09 -17.06
CA GLY A 8 6.70 1.69 -17.52
C GLY A 8 7.70 1.84 -16.41
N LYS A 9 8.81 2.51 -16.71
N LYS A 9 8.78 2.55 -16.71
CA LYS A 9 9.89 2.72 -15.75
CA LYS A 9 9.87 2.77 -15.76
C LYS A 9 9.88 4.16 -15.26
C LYS A 9 9.83 4.19 -15.25
N TRP A 10 10.11 4.33 -13.96
CA TRP A 10 10.04 5.61 -13.27
C TRP A 10 11.28 5.76 -12.39
N THR A 11 11.69 7.00 -12.16
CA THR A 11 12.68 7.30 -11.13
C THR A 11 12.09 8.31 -10.16
N ASN A 12 12.57 8.30 -8.92
CA ASN A 12 12.12 9.29 -7.95
C ASN A 12 13.23 10.22 -7.53
N ASN A 13 12.86 11.15 -6.65
CA ASN A 13 13.75 12.21 -6.22
C ASN A 13 14.98 11.71 -5.42
N LEU A 14 14.91 10.48 -4.88
CA LEU A 14 16.04 9.87 -4.20
C LEU A 14 16.91 9.07 -5.15
N GLY A 15 16.50 8.93 -6.41
CA GLY A 15 17.22 8.15 -7.40
C GLY A 15 16.74 6.70 -7.53
N SER A 16 15.75 6.28 -6.73
CA SER A 16 15.22 4.93 -6.86
C SER A 16 14.55 4.75 -8.20
N ILE A 17 14.52 3.50 -8.67
CA ILE A 17 13.88 3.15 -9.94
C ILE A 17 12.80 2.13 -9.69
N MET A 18 11.64 2.27 -10.34
CA MET A 18 10.70 1.18 -10.33
C MET A 18 10.20 0.94 -11.75
N THR A 19 9.85 -0.31 -11.99
CA THR A 19 9.36 -0.76 -13.26
C THR A 19 8.03 -1.45 -13.03
N ILE A 20 7.00 -0.96 -13.69
CA ILE A 20 5.66 -1.48 -13.51
C ILE A 20 5.23 -2.12 -14.82
N ARG A 21 4.61 -3.30 -14.70
CA ARG A 21 4.19 -4.07 -15.85
C ARG A 21 2.75 -3.68 -16.24
N ALA A 22 2.08 -4.50 -17.03
CA ALA A 22 0.76 -4.18 -17.54
C ALA A 22 -0.24 -4.01 -16.40
N VAL A 23 -1.10 -3.02 -16.55
CA VAL A 23 -2.20 -2.80 -15.61
C VAL A 23 -3.41 -3.54 -16.17
N ASN A 24 -4.01 -4.42 -15.37
CA ASN A 24 -5.12 -5.23 -15.86
C ASN A 24 -6.45 -4.49 -15.80
N SER A 25 -7.55 -5.09 -16.21
N SER A 25 -7.53 -5.22 -16.07
CA SER A 25 -8.82 -4.35 -16.26
CA SER A 25 -8.86 -4.65 -16.21
C SER A 25 -9.37 -4.01 -14.87
C SER A 25 -9.35 -4.07 -14.90
N ARG A 26 -8.89 -4.67 -13.80
CA ARG A 26 -9.22 -4.25 -12.43
C ARG A 26 -8.33 -3.11 -11.92
N GLY A 27 -7.28 -2.76 -12.65
CA GLY A 27 -6.31 -1.79 -12.19
C GLY A 27 -5.13 -2.39 -11.45
N GLU A 28 -5.05 -3.71 -11.35
CA GLU A 28 -3.94 -4.34 -10.64
C GLU A 28 -2.67 -4.35 -11.49
N PHE A 29 -1.54 -4.21 -10.82
CA PHE A 29 -0.24 -4.25 -11.47
C PHE A 29 0.82 -4.83 -10.56
N THR A 30 1.81 -5.42 -11.19
CA THR A 30 3.02 -5.85 -10.51
C THR A 30 4.22 -5.12 -11.09
N GLY A 31 5.34 -5.28 -10.43
CA GLY A 31 6.54 -4.64 -10.88
C GLY A 31 7.70 -4.92 -9.95
N THR A 32 8.76 -4.17 -10.16
CA THR A 32 9.95 -4.25 -9.32
C THR A 32 10.39 -2.86 -8.90
N TYR A 33 11.11 -2.83 -7.79
CA TYR A 33 11.55 -1.58 -7.18
C TYR A 33 13.00 -1.75 -6.78
N LEU A 34 13.87 -0.84 -7.25
CA LEU A 34 15.28 -0.81 -6.88
C LEU A 34 15.48 0.49 -6.08
N THR A 35 15.50 0.37 -4.77
CA THR A 35 15.69 1.54 -3.94
C THR A 35 17.13 2.02 -3.98
N ALA A 36 17.32 3.33 -4.01
CA ALA A 36 18.66 3.91 -3.95
C ALA A 36 19.22 3.91 -2.53
N VAL A 37 18.32 3.88 -1.53
CA VAL A 37 18.67 4.03 -0.13
C VAL A 37 18.02 2.93 0.69
N ALA A 38 18.61 2.64 1.84
CA ALA A 38 18.05 1.65 2.77
C ALA A 38 18.71 1.83 4.11
N ASP A 39 18.18 1.18 5.13
CA ASP A 39 18.86 1.14 6.42
C ASP A 39 20.27 0.55 6.28
N ASN A 40 20.38 -0.49 5.45
CA ASN A 40 21.64 -1.17 5.18
C ASN A 40 21.82 -1.28 3.68
N PRO A 41 22.32 -0.22 3.06
CA PRO A 41 22.34 -0.17 1.59
C PRO A 41 23.23 -1.25 0.95
N GLY A 42 24.20 -1.79 1.68
CA GLY A 42 25.00 -2.90 1.19
C GLY A 42 24.21 -4.16 0.94
N ASN A 43 23.00 -4.22 1.47
CA ASN A 43 22.13 -5.37 1.30
C ASN A 43 21.09 -5.20 0.19
N ILE A 44 20.98 -4.03 -0.43
CA ILE A 44 19.86 -3.78 -1.34
C ILE A 44 19.86 -4.78 -2.50
N THR A 45 18.67 -5.35 -2.74
CA THR A 45 18.40 -6.14 -3.94
C THR A 45 17.06 -5.71 -4.52
N LEU A 46 16.90 -5.96 -5.81
CA LEU A 46 15.65 -5.71 -6.51
C LEU A 46 14.51 -6.39 -5.79
N SER A 47 13.40 -5.69 -5.59
CA SER A 47 12.30 -6.18 -4.78
C SER A 47 10.97 -6.05 -5.52
N PRO A 48 10.06 -6.98 -5.29
CA PRO A 48 8.76 -6.96 -5.97
C PRO A 48 7.77 -5.99 -5.36
N LEU A 49 6.88 -5.49 -6.22
CA LEU A 49 5.76 -4.67 -5.80
C LEU A 49 4.47 -5.18 -6.42
N LEU A 50 3.36 -4.88 -5.75
CA LEU A 50 2.02 -5.27 -6.18
C LEU A 50 1.08 -4.15 -5.77
N GLY A 51 0.22 -3.69 -6.68
CA GLY A 51 -0.68 -2.61 -6.37
C GLY A 51 -1.92 -2.56 -7.23
N ILE A 52 -2.70 -1.51 -6.99
CA ILE A 52 -3.92 -1.24 -7.72
C ILE A 52 -4.04 0.24 -8.02
N GLN A 53 -4.36 0.58 -9.25
CA GLN A 53 -4.74 1.94 -9.64
C GLN A 53 -6.20 1.95 -10.06
N HIS A 54 -6.79 3.13 -10.04
CA HIS A 54 -8.08 3.33 -10.66
C HIS A 54 -7.92 3.32 -12.19
N LYS A 55 -8.97 2.89 -12.86
CA LYS A 55 -8.98 2.61 -14.28
C LYS A 55 -9.64 3.67 -15.15
N ARG A 56 -10.76 4.21 -14.71
CA ARG A 56 -11.54 5.11 -15.55
C ARG A 56 -10.91 6.49 -15.57
N ALA A 57 -10.36 6.89 -14.44
CA ALA A 57 -9.81 8.23 -14.29
C ALA A 57 -8.59 8.48 -15.18
N SER A 58 -8.51 9.64 -15.81
N SER A 58 -8.59 9.68 -15.74
CA SER A 58 -7.30 9.99 -16.53
CA SER A 58 -7.46 10.19 -16.49
C SER A 58 -6.13 10.28 -15.59
C SER A 58 -6.22 10.42 -15.63
N GLN A 59 -6.42 10.77 -14.37
CA GLN A 59 -5.37 11.05 -13.41
C GLN A 59 -5.66 10.20 -12.18
N PRO A 60 -5.42 8.89 -12.27
CA PRO A 60 -5.86 7.97 -11.22
C PRO A 60 -5.08 8.08 -9.93
N THR A 61 -5.77 7.82 -8.83
CA THR A 61 -5.07 7.48 -7.59
C THR A 61 -4.67 5.98 -7.66
N PHE A 62 -3.74 5.60 -6.80
CA PHE A 62 -3.20 4.24 -6.79
C PHE A 62 -2.54 3.99 -5.45
N GLY A 63 -2.24 2.72 -5.21
CA GLY A 63 -1.42 2.29 -4.10
C GLY A 63 -0.62 1.07 -4.51
N PHE A 64 0.52 0.84 -3.85
CA PHE A 64 1.25 -0.39 -4.02
C PHE A 64 2.05 -0.71 -2.77
N THR A 65 2.37 -1.99 -2.64
CA THR A 65 3.21 -2.54 -1.58
C THR A 65 4.49 -3.03 -2.19
N VAL A 66 5.61 -2.70 -1.54
CA VAL A 66 6.92 -3.25 -1.86
C VAL A 66 7.33 -4.20 -0.74
N HIS A 67 7.51 -5.47 -1.10
CA HIS A 67 8.07 -6.47 -0.20
C HIS A 67 9.58 -6.47 -0.39
N TRP A 68 10.31 -5.86 0.55
CA TRP A 68 11.76 -5.78 0.41
C TRP A 68 12.34 -7.20 0.51
N ASN A 69 13.18 -7.57 -0.46
CA ASN A 69 13.73 -8.91 -0.49
C ASN A 69 14.98 -9.08 0.34
N PHE A 70 15.41 -8.02 1.00
CA PHE A 70 16.66 -8.00 1.76
C PHE A 70 16.49 -7.53 3.20
N SER A 71 15.25 -7.32 3.64
CA SER A 71 14.98 -6.99 5.02
C SER A 71 13.61 -7.52 5.39
N GLU A 72 13.24 -7.40 6.65
CA GLU A 72 11.94 -7.83 7.13
C GLU A 72 10.88 -6.72 7.02
N SER A 73 11.26 -5.58 6.46
CA SER A 73 10.39 -4.42 6.34
C SER A 73 9.48 -4.49 5.10
N THR A 74 8.47 -3.63 5.11
CA THR A 74 7.55 -3.48 4.00
C THR A 74 7.28 -1.98 3.83
N THR A 75 7.20 -1.50 2.58
CA THR A 75 6.73 -0.14 2.35
C THR A 75 5.44 -0.15 1.54
N VAL A 76 4.53 0.75 1.87
CA VAL A 76 3.40 1.06 1.00
C VAL A 76 3.52 2.48 0.52
N PHE A 77 3.14 2.68 -0.75
CA PHE A 77 3.07 3.98 -1.40
C PHE A 77 1.65 4.22 -1.87
N THR A 78 1.17 5.46 -1.74
CA THR A 78 -0.07 5.85 -2.39
C THR A 78 0.09 7.23 -2.99
N GLY A 79 -0.64 7.50 -4.04
CA GLY A 79 -0.53 8.78 -4.69
C GLY A 79 -1.43 8.90 -5.89
N GLN A 80 -1.09 9.86 -6.74
CA GLN A 80 -1.88 10.16 -7.92
C GLN A 80 -0.94 10.43 -9.10
N CYS A 81 -1.36 10.01 -10.29
CA CYS A 81 -0.65 10.31 -11.53
C CYS A 81 -1.29 11.54 -12.14
N PHE A 82 -0.50 12.60 -12.30
CA PHE A 82 -0.94 13.81 -12.94
C PHE A 82 -0.34 13.92 -14.34
N ILE A 83 -1.15 14.43 -15.27
CA ILE A 83 -0.73 14.77 -16.61
C ILE A 83 -0.80 16.29 -16.80
N ASP A 84 0.36 16.87 -17.10
CA ASP A 84 0.58 18.29 -17.45
C ASP A 84 -0.15 18.73 -18.69
N ARG A 85 -0.26 20.03 -18.89
N ARG A 85 -0.19 20.05 -18.89
CA ARG A 85 -0.76 20.57 -20.16
CA ARG A 85 -0.67 20.64 -20.15
C ARG A 85 0.14 20.23 -21.37
C ARG A 85 0.11 20.14 -21.36
N ASN A 86 1.37 19.78 -21.14
CA ASN A 86 2.25 19.28 -22.20
C ASN A 86 2.30 17.75 -22.30
N GLY A 87 1.48 17.07 -21.50
CA GLY A 87 1.41 15.63 -21.53
C GLY A 87 2.43 14.93 -20.65
N LYS A 88 3.21 15.68 -19.88
CA LYS A 88 4.18 15.06 -18.99
C LYS A 88 3.53 14.52 -17.73
N GLU A 89 3.96 13.34 -17.31
CA GLU A 89 3.37 12.65 -16.17
C GLU A 89 4.27 12.69 -14.95
N VAL A 90 3.66 12.93 -13.80
CA VAL A 90 4.33 12.90 -12.52
C VAL A 90 3.50 12.07 -11.58
N LEU A 91 4.15 11.20 -10.81
CA LEU A 91 3.51 10.56 -9.66
C LEU A 91 3.87 11.31 -8.40
N LYS A 92 2.87 11.82 -7.70
CA LYS A 92 3.06 12.40 -6.37
C LYS A 92 2.64 11.32 -5.38
N THR A 93 3.54 10.94 -4.48
CA THR A 93 3.27 9.88 -3.53
C THR A 93 3.69 10.22 -2.12
N MET A 94 3.10 9.45 -1.22
N MET A 94 2.98 9.59 -1.18
CA MET A 94 3.56 9.38 0.13
CA MET A 94 3.37 9.43 0.23
C MET A 94 3.58 7.93 0.54
C MET A 94 3.58 7.95 0.52
N TRP A 95 4.44 7.64 1.50
CA TRP A 95 4.73 6.27 1.86
C TRP A 95 4.80 6.08 3.36
N LEU A 96 4.55 4.83 3.75
CA LEU A 96 4.79 4.33 5.10
C LEU A 96 5.73 3.12 5.00
N LEU A 97 6.82 3.16 5.76
CA LEU A 97 7.82 2.11 5.82
C LEU A 97 7.69 1.44 7.18
N ARG A 98 7.24 0.19 7.17
CA ARG A 98 7.03 -0.59 8.38
C ARG A 98 8.24 -1.50 8.63
N SER A 99 8.87 -1.32 9.78
CA SER A 99 9.90 -2.21 10.25
C SER A 99 9.29 -3.33 11.10
N SER A 100 10.01 -4.43 11.15
CA SER A 100 9.69 -5.53 12.05
C SER A 100 10.24 -5.25 13.43
N VAL A 101 9.40 -5.30 14.45
CA VAL A 101 9.87 -5.22 15.82
C VAL A 101 9.56 -6.53 16.55
N ASN A 102 10.20 -6.70 17.70
CA ASN A 102 10.26 -7.97 18.40
C ASN A 102 8.92 -8.40 18.98
N ASP A 103 8.18 -7.44 19.48
CA ASP A 103 6.88 -7.69 20.08
C ASP A 103 6.07 -6.41 20.11
N ILE A 104 4.82 -6.54 20.49
CA ILE A 104 3.86 -5.48 20.38
C ILE A 104 4.21 -4.24 21.21
N SER A 105 4.98 -4.43 22.28
CA SER A 105 5.42 -3.30 23.11
C SER A 105 6.33 -2.30 22.35
N TYR A 106 6.93 -2.73 21.23
CA TYR A 106 7.78 -1.85 20.41
C TYR A 106 7.05 -1.29 19.20
N ASP A 107 5.75 -1.58 19.07
CA ASP A 107 5.02 -1.19 17.87
C ASP A 107 5.09 0.31 17.60
N TRP A 108 5.11 1.11 18.66
CA TRP A 108 5.07 2.57 18.53
C TRP A 108 6.17 3.12 17.62
N LYS A 109 7.32 2.46 17.57
N LYS A 109 7.31 2.46 17.54
CA LYS A 109 8.49 2.96 16.86
CA LYS A 109 8.44 3.01 16.82
C LYS A 109 8.69 2.36 15.47
C LYS A 109 8.68 2.39 15.45
N ALA A 110 7.70 1.61 14.98
CA ALA A 110 7.91 0.78 13.80
C ALA A 110 7.58 1.40 12.45
N THR A 111 7.04 2.62 12.40
CA THR A 111 6.54 3.17 11.13
C THR A 111 7.15 4.52 10.81
N ARG A 112 7.87 4.57 9.69
CA ARG A 112 8.41 5.82 9.14
C ARG A 112 7.50 6.31 8.01
N VAL A 113 7.50 7.60 7.78
CA VAL A 113 6.68 8.24 6.78
C VAL A 113 7.53 9.16 5.91
N GLY A 114 7.14 9.33 4.66
CA GLY A 114 7.81 10.27 3.78
C GLY A 114 7.06 10.45 2.48
N TYR A 115 7.75 11.12 1.55
CA TYR A 115 7.19 11.44 0.24
C TYR A 115 8.10 10.93 -0.85
N ASN A 116 7.58 10.85 -2.07
CA ASN A 116 8.43 10.68 -3.23
C ASN A 116 7.71 11.20 -4.46
N ASN A 117 8.42 11.92 -5.31
CA ASN A 117 7.95 12.36 -6.60
C ASN A 117 8.63 11.53 -7.66
N PHE A 118 7.85 10.96 -8.58
CA PHE A 118 8.39 10.11 -9.64
C PHE A 118 8.12 10.75 -11.00
N THR A 119 9.08 10.59 -11.90
CA THR A 119 8.91 10.93 -13.31
C THR A 119 9.40 9.76 -14.15
N ARG A 120 9.00 9.75 -15.41
N ARG A 120 9.03 9.76 -15.43
CA ARG A 120 9.31 8.62 -16.28
C ARG A 120 10.78 8.57 -16.65
N LEU A 121 11.31 7.37 -16.74
CA LEU A 121 12.73 7.30 -17.08
C LEU A 121 12.99 7.89 -18.46
N SER A 122 12.20 7.46 -19.45
CA SER A 122 12.36 7.89 -20.83
C SER A 122 11.12 8.63 -21.35
N LYS B 3 3.14 -18.77 14.87
CA LYS B 3 3.11 -18.02 13.59
C LYS B 3 1.77 -17.28 13.41
N CYS B 4 1.87 -15.99 13.09
CA CYS B 4 0.74 -15.09 12.96
C CYS B 4 0.33 -15.11 11.49
N SER B 5 -0.91 -15.53 11.23
CA SER B 5 -1.45 -15.67 9.88
C SER B 5 -2.44 -14.53 9.55
N LEU B 6 -2.38 -14.07 8.30
CA LEU B 6 -3.28 -13.01 7.77
C LEU B 6 -4.55 -13.54 7.12
N THR B 7 -4.48 -14.73 6.50
CA THR B 7 -5.66 -15.34 5.91
C THR B 7 -6.76 -15.44 6.97
N GLY B 8 -7.97 -15.03 6.61
CA GLY B 8 -9.12 -15.12 7.48
C GLY B 8 -9.93 -13.83 7.54
N LYS B 9 -10.77 -13.69 8.56
N LYS B 9 -10.68 -13.70 8.61
CA LYS B 9 -11.72 -12.58 8.68
CA LYS B 9 -11.64 -12.65 8.76
C LYS B 9 -11.41 -11.73 9.91
C LYS B 9 -11.17 -11.76 9.89
N TRP B 10 -11.28 -10.43 9.68
CA TRP B 10 -10.80 -9.46 10.66
C TRP B 10 -11.77 -8.32 10.82
N THR B 11 -11.74 -7.70 12.01
CA THR B 11 -12.45 -6.47 12.26
C THR B 11 -11.50 -5.46 12.90
N ASN B 12 -11.73 -4.18 12.66
CA ASN B 12 -10.89 -3.17 13.27
C ASN B 12 -11.66 -2.29 14.24
N ASN B 13 -10.94 -1.37 14.86
CA ASN B 13 -11.47 -0.55 15.93
C ASN B 13 -12.55 0.44 15.47
N LEU B 14 -12.68 0.66 14.17
CA LEU B 14 -13.76 1.47 13.61
C LEU B 14 -15.00 0.64 13.23
N GLY B 15 -14.91 -0.67 13.35
CA GLY B 15 -16.00 -1.55 12.95
C GLY B 15 -15.93 -2.05 11.52
N SER B 16 -14.88 -1.69 10.78
CA SER B 16 -14.70 -2.21 9.44
C SER B 16 -14.33 -3.68 9.52
N ILE B 17 -14.61 -4.43 8.45
CA ILE B 17 -14.24 -5.83 8.40
C ILE B 17 -13.54 -6.10 7.07
N MET B 18 -12.69 -7.10 7.08
CA MET B 18 -12.06 -7.57 5.85
C MET B 18 -11.87 -9.07 5.90
N THR B 19 -11.89 -9.67 4.72
CA THR B 19 -11.53 -11.06 4.57
C THR B 19 -10.31 -11.11 3.68
N ILE B 20 -9.36 -11.95 4.06
CA ILE B 20 -8.13 -12.16 3.32
C ILE B 20 -8.07 -13.62 2.95
N ARG B 21 -7.80 -13.87 1.68
CA ARG B 21 -7.74 -15.23 1.14
C ARG B 21 -6.36 -15.87 1.37
N ALA B 22 -6.11 -17.03 0.76
CA ALA B 22 -4.87 -17.77 0.98
C ALA B 22 -3.67 -16.93 0.58
N VAL B 23 -2.61 -17.02 1.37
CA VAL B 23 -1.37 -16.31 1.08
C VAL B 23 -0.47 -17.25 0.29
N ASN B 24 -0.01 -16.83 -0.89
CA ASN B 24 0.80 -17.71 -1.71
C ASN B 24 2.26 -17.72 -1.27
N SER B 25 3.10 -18.48 -2.01
CA SER B 25 4.49 -18.72 -1.60
C SER B 25 5.32 -17.44 -1.60
N ARG B 26 4.89 -16.44 -2.37
CA ARG B 26 5.53 -15.15 -2.44
C ARG B 26 4.98 -14.17 -1.41
N GLY B 27 4.04 -14.61 -0.59
CA GLY B 27 3.42 -13.78 0.40
C GLY B 27 2.26 -12.93 -0.12
N GLU B 28 1.82 -13.14 -1.35
CA GLU B 28 0.80 -12.29 -1.97
C GLU B 28 -0.59 -12.76 -1.59
N PHE B 29 -1.51 -11.81 -1.40
CA PHE B 29 -2.86 -12.13 -1.02
C PHE B 29 -3.85 -11.13 -1.59
N THR B 30 -5.07 -11.62 -1.80
CA THR B 30 -6.22 -10.81 -2.15
C THR B 30 -7.25 -10.87 -1.04
N GLY B 31 -8.25 -10.03 -1.15
CA GLY B 31 -9.34 -10.03 -0.20
C GLY B 31 -10.36 -8.97 -0.52
N THR B 32 -11.27 -8.77 0.43
CA THR B 32 -12.40 -7.86 0.30
C THR B 32 -12.54 -7.07 1.58
N TYR B 33 -12.73 -5.76 1.44
CA TYR B 33 -12.78 -4.82 2.56
C TYR B 33 -14.16 -4.16 2.62
N LEU B 34 -14.78 -4.17 3.79
CA LEU B 34 -16.01 -3.40 4.04
C LEU B 34 -15.70 -2.35 5.08
N THR B 35 -15.55 -1.10 4.64
CA THR B 35 -15.34 -0.04 5.59
C THR B 35 -16.66 0.32 6.28
N ALA B 36 -16.56 0.62 7.57
CA ALA B 36 -17.69 1.09 8.36
C ALA B 36 -17.89 2.59 8.21
N VAL B 37 -16.89 3.31 7.68
CA VAL B 37 -16.90 4.76 7.59
C VAL B 37 -16.39 5.19 6.21
N ALA B 38 -16.80 6.37 5.76
CA ALA B 38 -16.34 6.89 4.48
C ALA B 38 -16.64 8.39 4.41
N ASP B 39 -16.09 9.06 3.42
CA ASP B 39 -16.46 10.44 3.13
C ASP B 39 -17.96 10.55 2.83
N ASN B 40 -18.49 9.55 2.13
CA ASN B 40 -19.90 9.48 1.76
C ASN B 40 -20.41 8.08 2.09
N PRO B 41 -20.74 7.85 3.35
CA PRO B 41 -21.01 6.47 3.79
C PRO B 41 -22.22 5.82 3.12
N GLY B 42 -23.19 6.60 2.66
CA GLY B 42 -24.30 6.04 1.91
C GLY B 42 -23.87 5.36 0.61
N ASN B 43 -22.65 5.65 0.13
CA ASN B 43 -22.13 5.05 -1.09
C ASN B 43 -21.30 3.79 -0.87
N ILE B 44 -21.05 3.39 0.36
CA ILE B 44 -20.10 2.30 0.61
C ILE B 44 -20.52 1.02 -0.11
N THR B 45 -19.55 0.43 -0.83
CA THR B 45 -19.65 -0.89 -1.39
C THR B 45 -18.38 -1.68 -1.06
N LEU B 46 -18.48 -3.00 -1.17
CA LEU B 46 -17.33 -3.87 -0.95
C LEU B 46 -16.21 -3.54 -1.93
N SER B 47 -14.98 -3.53 -1.42
CA SER B 47 -13.85 -3.10 -2.22
C SER B 47 -12.71 -4.09 -2.14
N PRO B 48 -12.05 -4.37 -3.25
CA PRO B 48 -10.97 -5.36 -3.25
C PRO B 48 -9.68 -4.83 -2.65
N LEU B 49 -8.93 -5.76 -2.08
CA LEU B 49 -7.59 -5.46 -1.58
C LEU B 49 -6.59 -6.43 -2.17
N LEU B 50 -5.34 -5.98 -2.24
CA LEU B 50 -4.25 -6.77 -2.81
C LEU B 50 -2.98 -6.38 -2.06
N GLY B 51 -2.24 -7.37 -1.58
CA GLY B 51 -1.05 -7.05 -0.79
C GLY B 51 -0.03 -8.15 -0.75
N ILE B 52 1.01 -7.89 0.05
CA ILE B 52 2.11 -8.83 0.23
C ILE B 52 2.52 -8.82 1.70
N GLN B 53 2.72 -10.01 2.27
CA GLN B 53 3.33 -10.18 3.57
C GLN B 53 4.66 -10.89 3.44
N HIS B 54 5.50 -10.78 4.46
CA HIS B 54 6.65 -11.63 4.58
C HIS B 54 6.23 -13.03 5.00
N LYS B 55 6.92 -14.01 4.44
CA LYS B 55 6.56 -15.42 4.60
C LYS B 55 7.27 -16.14 5.76
N ARG B 56 8.57 -15.90 5.94
CA ARG B 56 9.34 -16.67 6.93
C ARG B 56 9.06 -16.23 8.37
N ALA B 57 8.89 -14.92 8.57
CA ALA B 57 8.74 -14.37 9.90
C ALA B 57 7.50 -14.89 10.63
N SER B 58 7.63 -15.19 11.91
N SER B 58 7.68 -15.17 11.91
CA SER B 58 6.47 -15.60 12.69
CA SER B 58 6.58 -15.56 12.79
C SER B 58 5.51 -14.44 12.98
C SER B 58 5.56 -14.44 12.95
N GLN B 59 6.04 -13.21 13.03
CA GLN B 59 5.21 -12.01 13.21
C GLN B 59 5.51 -11.10 12.03
N PRO B 60 4.96 -11.42 10.86
CA PRO B 60 5.37 -10.73 9.63
C PRO B 60 4.88 -9.30 9.53
N THR B 61 5.69 -8.47 8.86
CA THR B 61 5.20 -7.20 8.35
C THR B 61 4.48 -7.48 7.01
N PHE B 62 3.66 -6.52 6.61
CA PHE B 62 2.84 -6.67 5.41
C PHE B 62 2.37 -5.31 4.97
N GLY B 63 1.85 -5.26 3.74
CA GLY B 63 1.15 -4.10 3.24
C GLY B 63 0.03 -4.54 2.31
N PHE B 64 -0.99 -3.71 2.17
CA PHE B 64 -1.99 -3.95 1.13
C PHE B 64 -2.62 -2.64 0.70
N THR B 65 -3.16 -2.68 -0.51
CA THR B 65 -3.88 -1.58 -1.13
C THR B 65 -5.36 -1.95 -1.20
N VAL B 66 -6.23 -1.00 -0.86
CA VAL B 66 -7.65 -1.11 -1.07
C VAL B 66 -8.06 -0.12 -2.15
N HIS B 67 -8.58 -0.66 -3.26
CA HIS B 67 -9.15 0.14 -4.32
C HIS B 67 -10.62 0.34 -4.00
N TRP B 68 -10.99 1.52 -3.52
CA TRP B 68 -12.37 1.76 -3.16
C TRP B 68 -13.25 1.71 -4.40
N ASN B 69 -14.30 0.91 -4.34
CA ASN B 69 -15.17 0.70 -5.50
C ASN B 69 -16.28 1.72 -5.62
N PHE B 70 -16.28 2.72 -4.74
CA PHE B 70 -17.34 3.70 -4.66
C PHE B 70 -16.83 5.13 -4.59
N SER B 71 -15.53 5.32 -4.74
CA SER B 71 -14.94 6.65 -4.80
C SER B 71 -13.68 6.56 -5.65
N GLU B 72 -13.07 7.73 -5.89
CA GLU B 72 -11.82 7.80 -6.63
C GLU B 72 -10.60 7.66 -5.74
N SER B 73 -10.82 7.41 -4.46
CA SER B 73 -9.73 7.32 -3.50
C SER B 73 -9.12 5.93 -3.44
N THR B 74 -7.94 5.86 -2.80
CA THR B 74 -7.23 4.61 -2.56
C THR B 74 -6.65 4.67 -1.17
N THR B 75 -6.66 3.56 -0.43
CA THR B 75 -5.96 3.47 0.85
C THR B 75 -4.90 2.40 0.79
N VAL B 76 -3.76 2.66 1.43
CA VAL B 76 -2.78 1.65 1.71
C VAL B 76 -2.66 1.48 3.22
N PHE B 77 -2.51 0.22 3.64
CA PHE B 77 -2.28 -0.17 5.02
C PHE B 77 -0.96 -0.90 5.10
N THR B 78 -0.18 -0.64 6.15
CA THR B 78 1.00 -1.45 6.44
C THR B 78 1.04 -1.72 7.94
N GLY B 79 1.64 -2.82 8.34
CA GLY B 79 1.69 -3.15 9.74
C GLY B 79 2.37 -4.46 9.98
N GLN B 80 2.14 -4.99 11.18
CA GLN B 80 2.73 -6.23 11.61
C GLN B 80 1.68 -7.05 12.34
N CYS B 81 1.75 -8.36 12.13
CA CYS B 81 0.87 -9.32 12.80
C CYS B 81 1.60 -9.82 14.04
N PHE B 82 1.05 -9.53 15.22
CA PHE B 82 1.60 -10.00 16.48
C PHE B 82 0.74 -11.11 17.07
N ILE B 83 1.40 -12.08 17.72
CA ILE B 83 0.75 -13.14 18.50
C ILE B 83 1.21 -13.07 19.96
N ASP B 84 0.25 -13.05 20.88
CA ASP B 84 0.56 -12.99 22.31
C ASP B 84 0.77 -14.40 22.89
N ARG B 85 0.91 -14.49 24.22
CA ARG B 85 1.20 -15.76 24.90
C ARG B 85 0.11 -16.83 24.68
N ASN B 86 -1.13 -16.39 24.54
CA ASN B 86 -2.28 -17.29 24.39
C ASN B 86 -2.68 -17.59 22.94
N GLY B 87 -1.90 -17.12 21.98
CA GLY B 87 -2.17 -17.35 20.57
C GLY B 87 -3.16 -16.36 19.95
N LYS B 88 -3.45 -15.28 20.65
CA LYS B 88 -4.31 -14.21 20.13
C LYS B 88 -3.52 -13.30 19.20
N GLU B 89 -4.05 -13.10 17.99
CA GLU B 89 -3.43 -12.26 16.98
C GLU B 89 -4.02 -10.85 16.95
N VAL B 90 -3.15 -9.89 16.67
CA VAL B 90 -3.57 -8.52 16.40
C VAL B 90 -2.76 -8.00 15.23
N LEU B 91 -3.43 -7.34 14.29
CA LEU B 91 -2.71 -6.56 13.28
C LEU B 91 -2.64 -5.12 13.77
N LYS B 92 -1.43 -4.62 13.97
CA LYS B 92 -1.17 -3.23 14.25
C LYS B 92 -0.84 -2.57 12.94
N THR B 93 -1.65 -1.61 12.51
CA THR B 93 -1.48 -0.98 11.21
C THR B 93 -1.53 0.53 11.27
N MET B 94 -0.92 1.12 10.23
CA MET B 94 -1.07 2.53 9.89
C MET B 94 -1.46 2.59 8.42
N TRP B 95 -2.19 3.64 8.07
CA TRP B 95 -2.72 3.79 6.73
C TRP B 95 -2.54 5.21 6.20
N LEU B 96 -2.51 5.27 4.87
CA LEU B 96 -2.60 6.52 4.12
C LEU B 96 -3.79 6.39 3.16
N LEU B 97 -4.66 7.40 3.19
CA LEU B 97 -5.87 7.48 2.37
C LEU B 97 -5.64 8.63 1.39
N ARG B 98 -5.50 8.29 0.12
CA ARG B 98 -5.26 9.24 -0.95
C ARG B 98 -6.57 9.59 -1.65
N SER B 99 -6.89 10.87 -1.68
CA SER B 99 -8.01 11.38 -2.45
C SER B 99 -7.53 11.85 -3.81
N SER B 100 -8.45 11.87 -4.76
CA SER B 100 -8.22 12.45 -6.06
C SER B 100 -8.40 13.95 -6.03
N VAL B 101 -7.39 14.68 -6.48
CA VAL B 101 -7.51 16.11 -6.65
C VAL B 101 -7.33 16.49 -8.11
N ASN B 102 -7.70 17.72 -8.42
CA ASN B 102 -7.84 18.11 -9.82
C ASN B 102 -6.54 18.25 -10.59
N ASP B 103 -5.53 18.76 -9.90
CA ASP B 103 -4.23 18.97 -10.52
C ASP B 103 -3.20 19.03 -9.42
N ILE B 104 -1.95 19.09 -9.82
CA ILE B 104 -0.83 18.94 -8.93
C ILE B 104 -0.76 20.06 -7.89
N SER B 105 -1.34 21.22 -8.19
CA SER B 105 -1.34 22.33 -7.24
C SER B 105 -2.19 22.07 -5.99
N TYR B 106 -3.04 21.05 -6.03
CA TYR B 106 -3.84 20.63 -4.89
C TYR B 106 -3.26 19.42 -4.17
N ASP B 107 -2.11 18.93 -4.62
CA ASP B 107 -1.59 17.68 -4.09
C ASP B 107 -1.37 17.72 -2.58
N TRP B 108 -1.00 18.89 -2.06
CA TRP B 108 -0.68 19.03 -0.64
C TRP B 108 -1.78 18.54 0.29
N LYS B 109 -3.05 18.63 -0.14
N LYS B 109 -3.03 18.61 -0.13
CA LYS B 109 -4.20 18.32 0.71
CA LYS B 109 -4.14 18.28 0.77
C LYS B 109 -4.76 16.91 0.52
C LYS B 109 -4.74 16.90 0.53
N ALA B 110 -4.09 16.08 -0.28
CA ALA B 110 -4.71 14.85 -0.78
C ALA B 110 -4.50 13.61 0.06
N THR B 111 -3.73 13.67 1.17
CA THR B 111 -3.37 12.46 1.89
C THR B 111 -3.71 12.55 3.37
N ARG B 112 -4.61 11.68 3.79
CA ARG B 112 -4.95 11.50 5.21
C ARG B 112 -4.18 10.30 5.77
N VAL B 113 -3.94 10.34 7.08
CA VAL B 113 -3.19 9.31 7.78
C VAL B 113 -3.96 8.88 9.02
N GLY B 114 -3.77 7.63 9.42
CA GLY B 114 -4.35 7.12 10.64
C GLY B 114 -3.84 5.75 11.00
N TYR B 115 -4.49 5.15 11.99
CA TYR B 115 -4.13 3.83 12.49
C TYR B 115 -5.32 2.91 12.41
N ASN B 116 -5.07 1.62 12.53
CA ASN B 116 -6.15 0.68 12.81
C ASN B 116 -5.58 -0.55 13.45
N ASN B 117 -6.25 -1.04 14.50
CA ASN B 117 -5.91 -2.29 15.15
C ASN B 117 -6.97 -3.29 14.74
N PHE B 118 -6.55 -4.42 14.18
CA PHE B 118 -7.47 -5.47 13.73
C PHE B 118 -7.35 -6.68 14.63
N THR B 119 -8.48 -7.31 14.93
CA THR B 119 -8.51 -8.59 15.60
C THR B 119 -9.32 -9.58 14.77
N ARG B 120 -9.12 -10.87 15.01
CA ARG B 120 -9.77 -11.92 14.24
C ARG B 120 -11.24 -12.01 14.63
N LEU B 121 -12.12 -12.06 13.63
CA LEU B 121 -13.53 -12.38 13.85
C LEU B 121 -13.65 -13.88 14.10
N SER B 122 -14.01 -14.23 15.34
CA SER B 122 -14.22 -15.63 15.74
C SER B 122 -12.92 -16.43 15.73
#